data_4I9J
#
_entry.id   4I9J
#
_cell.length_a   85.649
_cell.length_b   57.473
_cell.length_c   61.752
_cell.angle_alpha   90.00
_cell.angle_beta   90.00
_cell.angle_gamma   90.00
#
_symmetry.space_group_name_H-M   'P 21 21 21'
#
loop_
_entity.id
_entity.type
_entity.pdbx_description
1 polymer '1-phosphatidylinositol phosphodiesterase'
2 non-polymer 'ACETATE ION'
3 non-polymer '(4S,7R)-7-(heptanoyloxy)-4-hydroxy-N,N,N-trimethyl-10-oxo-3,5,9-trioxa-4-phosphahexadecan-1-aminium 4-oxide'
4 water water
#
_entity_poly.entity_id   1
_entity_poly.type   'polypeptide(L)'
_entity_poly.pdbx_seq_one_letter_code
;SDSLSKSPENWMSKLDDGKHLTEINIPGSHDSGSFTLKDPVKSVWAKTQDKDYLTQMKSGVRFFDIRGRASADNMISVHH
GMVYLHHELGKFLDDAKYYLSAYPNETIVMSMKKDYDSDSKVTKTFEEIFREYYYNNPQYQNLFYTGSNANPTLKETKGK
IVLFNRMGGTYIKSGYGADTSGIQWADNATFETKINNGSLNLKVQDEYKDYYDKKVEAVKNLLAKAKTDSNKDNVYVNFL
SVASGGSAFNSTYYYASYINPEIAKTIKANGKARTGWLIVDYAGYTWPGYDDIVSEIIDSNKLEHHHHHH
;
_entity_poly.pdbx_strand_id   A
#
# COMPACT_ATOMS: atom_id res chain seq x y z
N ASP A 2 15.97 -14.10 17.56
CA ASP A 2 15.06 -14.30 16.41
C ASP A 2 15.01 -13.07 15.46
N SER A 3 14.89 -13.30 14.15
CA SER A 3 14.81 -12.18 13.21
C SER A 3 13.42 -11.48 13.27
N LEU A 4 13.32 -10.26 12.74
CA LEU A 4 12.04 -9.52 12.83
C LEU A 4 10.85 -10.27 12.23
N SER A 5 11.07 -11.04 11.18
CA SER A 5 9.98 -11.72 10.49
C SER A 5 9.38 -12.86 11.28
N LYS A 6 10.02 -13.31 12.37
CA LYS A 6 9.41 -14.35 13.22
C LYS A 6 8.32 -13.72 14.10
N SER A 7 8.29 -12.41 14.13
CA SER A 7 7.25 -11.71 14.90
C SER A 7 6.55 -10.65 14.00
N PRO A 8 5.92 -11.11 12.91
CA PRO A 8 5.44 -10.10 11.94
C PRO A 8 4.30 -9.26 12.51
N GLU A 9 3.69 -9.68 13.60
CA GLU A 9 2.56 -8.89 14.09
C GLU A 9 2.95 -7.57 14.71
N ASN A 10 4.20 -7.47 15.17
CA ASN A 10 4.64 -6.25 15.87
C ASN A 10 6.07 -5.91 15.46
N TRP A 11 6.40 -6.13 14.18
CA TRP A 11 7.77 -5.87 13.79
C TRP A 11 8.23 -4.41 13.87
N MET A 12 7.33 -3.43 13.70
CA MET A 12 7.78 -2.01 13.70
C MET A 12 8.12 -1.58 15.10
N SER A 13 7.47 -2.23 16.08
CA SER A 13 7.72 -1.94 17.51
C SER A 13 9.18 -2.24 17.84
N LYS A 14 9.84 -3.10 17.06
CA LYS A 14 11.26 -3.43 17.38
C LYS A 14 12.28 -2.46 16.75
N LEU A 15 11.79 -1.49 15.98
CA LEU A 15 12.69 -0.59 15.26
C LEU A 15 12.92 0.65 16.09
N ASP A 16 13.91 1.43 15.70
CA ASP A 16 14.11 2.76 16.27
C ASP A 16 13.04 3.73 15.68
N ASP A 17 12.17 4.29 16.54
CA ASP A 17 11.06 5.14 16.06
C ASP A 17 11.49 6.57 15.72
N GLY A 18 12.81 6.88 15.85
CA GLY A 18 13.35 8.10 15.30
C GLY A 18 13.51 7.99 13.77
N LYS A 19 13.35 6.79 13.22
CA LYS A 19 13.40 6.62 11.75
C LYS A 19 12.22 7.30 11.06
N HIS A 20 12.49 7.93 9.91
CA HIS A 20 11.38 8.43 9.10
C HIS A 20 10.71 7.25 8.44
N LEU A 21 9.38 7.29 8.27
CA LEU A 21 8.71 6.12 7.58
C LEU A 21 9.35 5.81 6.24
N THR A 22 9.78 6.85 5.54
CA THR A 22 10.48 6.66 4.23
C THR A 22 11.70 5.71 4.27
N GLU A 23 12.36 5.66 5.44
CA GLU A 23 13.62 4.91 5.62
C GLU A 23 13.37 3.47 6.06
N ILE A 24 12.11 3.17 6.33
CA ILE A 24 11.68 1.81 6.74
C ILE A 24 11.29 1.05 5.49
N ASN A 25 11.71 -0.21 5.44
CA ASN A 25 11.36 -1.10 4.35
C ASN A 25 10.01 -1.73 4.72
N ILE A 26 8.98 -1.34 3.98
CA ILE A 26 7.62 -1.73 4.39
C ILE A 26 6.95 -2.64 3.32
N PRO A 27 6.38 -3.77 3.76
CA PRO A 27 5.59 -4.62 2.85
C PRO A 27 4.18 -4.04 2.74
N GLY A 28 3.68 -3.88 1.50
CA GLY A 28 2.34 -3.49 1.25
C GLY A 28 1.62 -4.60 0.47
N SER A 29 0.30 -4.46 0.41
CA SER A 29 -0.48 -5.37 -0.41
C SER A 29 -1.25 -4.53 -1.48
N HIS A 30 -1.18 -5.01 -2.72
CA HIS A 30 -1.82 -4.37 -3.86
C HIS A 30 -3.31 -4.73 -3.91
N ASP A 31 -4.18 -3.69 -4.04
CA ASP A 31 -5.64 -3.84 -3.96
C ASP A 31 -5.99 -4.78 -2.79
N SER A 32 -5.55 -4.38 -1.61
CA SER A 32 -5.64 -5.14 -0.36
C SER A 32 -6.99 -5.80 -0.13
N GLY A 33 -8.06 -5.12 -0.53
CA GLY A 33 -9.44 -5.53 -0.18
C GLY A 33 -10.01 -6.66 -1.04
N SER A 34 -9.24 -7.16 -2.02
CA SER A 34 -9.81 -8.09 -3.00
C SER A 34 -9.85 -9.53 -2.47
N PHE A 35 -9.49 -9.73 -1.19
CA PHE A 35 -9.63 -11.07 -0.57
C PHE A 35 -11.04 -11.63 -0.56
N THR A 36 -12.05 -10.75 -0.66
CA THR A 36 -13.46 -11.12 -0.68
C THR A 36 -13.87 -11.92 -1.93
N LEU A 37 -13.09 -11.83 -3.01
CA LEU A 37 -13.50 -12.46 -4.30
C LEU A 37 -13.35 -13.99 -4.31
N LYS A 38 -14.38 -14.67 -4.82
CA LYS A 38 -14.48 -16.14 -4.86
C LYS A 38 -14.75 -16.64 -6.29
N ASP A 39 -15.47 -15.84 -7.08
CA ASP A 39 -15.70 -16.18 -8.49
C ASP A 39 -14.43 -16.60 -9.21
N PRO A 40 -14.37 -17.85 -9.66
CA PRO A 40 -13.07 -18.30 -10.20
C PRO A 40 -12.67 -17.70 -11.53
N VAL A 41 -13.64 -17.24 -12.33
CA VAL A 41 -13.31 -16.65 -13.63
C VAL A 41 -12.82 -15.19 -13.45
N LYS A 42 -13.59 -14.41 -12.71
CA LYS A 42 -13.35 -13.00 -12.48
C LYS A 42 -12.07 -12.89 -11.66
N SER A 43 -11.87 -13.82 -10.72
CA SER A 43 -10.67 -13.77 -9.83
C SER A 43 -9.34 -13.86 -10.56
N VAL A 44 -9.31 -14.48 -11.75
CA VAL A 44 -8.08 -14.52 -12.61
C VAL A 44 -7.42 -13.12 -12.76
N TRP A 45 -8.26 -12.10 -12.99
CA TRP A 45 -7.77 -10.78 -13.22
C TRP A 45 -8.10 -9.86 -12.10
N ALA A 46 -9.21 -10.09 -11.38
CA ALA A 46 -9.68 -9.05 -10.40
C ALA A 46 -9.18 -9.26 -8.96
N LYS A 47 -8.75 -10.48 -8.68
CA LYS A 47 -8.38 -10.82 -7.32
C LYS A 47 -6.87 -10.76 -7.18
N THR A 48 -6.42 -10.13 -6.10
CA THR A 48 -4.97 -9.92 -5.85
C THR A 48 -4.49 -10.37 -4.44
N GLN A 49 -5.43 -10.80 -3.59
CA GLN A 49 -5.10 -11.19 -2.18
C GLN A 49 -6.01 -12.33 -1.78
N ASP A 50 -5.57 -13.14 -0.83
CA ASP A 50 -6.50 -14.13 -0.31
C ASP A 50 -6.69 -14.02 1.23
N LYS A 51 -5.85 -13.22 1.89
CA LYS A 51 -5.92 -12.99 3.33
C LYS A 51 -6.72 -11.74 3.62
N ASP A 52 -7.55 -11.77 4.66
CA ASP A 52 -8.31 -10.57 5.04
C ASP A 52 -7.39 -9.48 5.68
N TYR A 53 -7.93 -8.28 5.91
CA TYR A 53 -7.09 -7.14 6.39
C TYR A 53 -6.37 -7.49 7.71
N LEU A 54 -7.11 -8.02 8.68
CA LEU A 54 -6.47 -8.39 9.97
C LEU A 54 -5.40 -9.44 9.80
N THR A 55 -5.59 -10.41 8.89
CA THR A 55 -4.58 -11.48 8.69
C THR A 55 -3.34 -10.94 7.96
N GLN A 56 -3.58 -10.06 6.98
CA GLN A 56 -2.48 -9.34 6.34
C GLN A 56 -1.67 -8.54 7.40
N MET A 57 -2.33 -7.78 8.28
CA MET A 57 -1.63 -7.04 9.30
C MET A 57 -0.82 -7.96 10.22
N LYS A 58 -1.44 -9.05 10.66
CA LYS A 58 -0.75 -10.04 11.48
C LYS A 58 0.44 -10.63 10.77
N SER A 59 0.36 -10.73 9.45
CA SER A 59 1.47 -11.23 8.61
C SER A 59 2.52 -10.16 8.34
N GLY A 60 2.34 -8.94 8.85
CA GLY A 60 3.42 -7.93 8.72
C GLY A 60 3.17 -6.83 7.69
N VAL A 61 2.02 -6.88 6.99
CA VAL A 61 1.71 -5.84 5.94
C VAL A 61 1.40 -4.54 6.62
N ARG A 62 2.02 -3.44 6.17
CA ARG A 62 1.74 -2.12 6.79
C ARG A 62 1.30 -1.03 5.80
N PHE A 63 1.50 -1.30 4.49
CA PHE A 63 1.05 -0.39 3.46
C PHE A 63 -0.15 -1.07 2.80
N PHE A 64 -1.27 -0.35 2.84
CA PHE A 64 -2.56 -0.82 2.28
C PHE A 64 -2.97 0.06 1.11
N ASP A 65 -3.17 -0.62 0.00
CA ASP A 65 -3.54 0.05 -1.29
C ASP A 65 -5.06 -0.11 -1.42
N ILE A 66 -5.78 0.92 -1.00
CA ILE A 66 -7.22 0.96 -1.08
C ILE A 66 -7.61 1.79 -2.29
N ARG A 67 -8.34 1.15 -3.20
CA ARG A 67 -8.84 1.85 -4.38
C ARG A 67 -10.39 1.76 -4.29
N GLY A 68 -11.09 2.84 -4.64
CA GLY A 68 -12.48 2.89 -4.28
C GLY A 68 -13.39 3.54 -5.26
N ARG A 69 -14.68 3.43 -4.98
CA ARG A 69 -15.67 4.15 -5.74
C ARG A 69 -16.68 4.84 -4.84
N ALA A 70 -17.03 6.09 -5.11
CA ALA A 70 -18.01 6.72 -4.26
C ALA A 70 -19.36 6.07 -4.62
N SER A 71 -19.99 5.38 -3.68
CA SER A 71 -21.28 4.72 -3.92
C SER A 71 -22.43 5.54 -3.33
N ALA A 72 -22.13 6.57 -2.54
CA ALA A 72 -23.15 7.47 -1.99
C ALA A 72 -22.42 8.68 -1.45
N ASP A 73 -23.15 9.75 -1.15
CA ASP A 73 -22.51 10.99 -0.71
C ASP A 73 -21.75 10.84 0.59
N ASN A 74 -21.94 9.73 1.28
CA ASN A 74 -21.22 9.51 2.52
C ASN A 74 -20.54 8.15 2.57
N MET A 75 -20.31 7.52 1.41
CA MET A 75 -19.76 6.17 1.38
CA MET A 75 -19.80 6.14 1.36
C MET A 75 -18.73 5.94 0.26
N ILE A 76 -17.64 5.30 0.62
CA ILE A 76 -16.69 4.82 -0.38
C ILE A 76 -16.68 3.30 -0.34
N SER A 77 -16.96 2.69 -1.52
CA SER A 77 -16.91 1.22 -1.72
C SER A 77 -15.54 0.79 -2.21
N VAL A 78 -15.01 -0.31 -1.68
CA VAL A 78 -13.70 -0.71 -2.04
C VAL A 78 -13.81 -1.53 -3.34
N HIS A 79 -12.96 -1.18 -4.32
CA HIS A 79 -13.04 -1.69 -5.74
C HIS A 79 -11.73 -2.07 -6.31
N HIS A 80 -11.76 -3.06 -7.19
CA HIS A 80 -10.72 -3.22 -8.16
C HIS A 80 -11.41 -2.78 -9.44
N GLY A 81 -11.02 -1.61 -9.95
CA GLY A 81 -11.65 -1.13 -11.18
C GLY A 81 -13.17 -1.07 -11.08
N MET A 82 -13.86 -1.63 -12.08
CA MET A 82 -15.32 -1.88 -12.14
CA MET A 82 -15.34 -1.61 -12.01
C MET A 82 -15.85 -2.75 -11.01
N VAL A 83 -14.97 -3.62 -10.53
CA VAL A 83 -15.37 -4.73 -9.65
C VAL A 83 -15.44 -4.30 -8.20
N TYR A 84 -16.64 -4.39 -7.65
CA TYR A 84 -16.91 -4.11 -6.25
C TYR A 84 -16.32 -5.26 -5.41
N LEU A 85 -15.64 -4.90 -4.33
CA LEU A 85 -14.99 -5.85 -3.44
C LEU A 85 -15.82 -6.20 -2.19
N HIS A 86 -17.11 -5.87 -2.25
CA HIS A 86 -18.10 -6.36 -1.25
C HIS A 86 -18.02 -5.71 0.10
N HIS A 87 -17.38 -4.55 0.21
CA HIS A 87 -17.39 -3.83 1.52
C HIS A 87 -17.03 -2.42 1.28
N GLU A 88 -17.35 -1.56 2.25
CA GLU A 88 -17.02 -0.14 2.19
C GLU A 88 -15.76 0.16 3.00
N LEU A 89 -15.25 1.37 2.85
CA LEU A 89 -14.03 1.84 3.48
C LEU A 89 -14.09 1.72 5.03
N GLY A 90 -15.26 1.96 5.65
CA GLY A 90 -15.34 1.82 7.13
C GLY A 90 -14.87 0.48 7.65
N LYS A 91 -15.00 -0.59 6.85
CA LYS A 91 -14.58 -1.92 7.23
C LYS A 91 -13.07 -1.96 7.38
N PHE A 92 -12.37 -1.41 6.39
CA PHE A 92 -10.92 -1.36 6.51
C PHE A 92 -10.45 -0.52 7.73
N LEU A 93 -11.07 0.63 7.86
CA LEU A 93 -10.72 1.56 8.95
C LEU A 93 -11.01 0.96 10.34
N ASP A 94 -12.13 0.26 10.46
CA ASP A 94 -12.41 -0.45 11.75
C ASP A 94 -11.40 -1.57 12.05
N ASP A 95 -11.04 -2.35 11.02
CA ASP A 95 -10.04 -3.37 11.19
C ASP A 95 -8.70 -2.75 11.57
N ALA A 96 -8.29 -1.74 10.82
CA ALA A 96 -7.07 -1.03 11.19
C ALA A 96 -7.06 -0.49 12.61
N LYS A 97 -8.14 0.19 13.02
CA LYS A 97 -8.29 0.74 14.37
C LYS A 97 -8.13 -0.34 15.47
N TYR A 98 -8.75 -1.48 15.25
CA TYR A 98 -8.63 -2.64 16.11
C TYR A 98 -7.21 -3.15 16.20
N TYR A 99 -6.58 -3.33 15.04
CA TYR A 99 -5.20 -3.79 15.01
C TYR A 99 -4.25 -2.83 15.74
N LEU A 100 -4.34 -1.57 15.38
CA LEU A 100 -3.46 -0.58 15.99
C LEU A 100 -3.69 -0.42 17.54
N SER A 101 -4.90 -0.69 18.03
CA SER A 101 -5.12 -0.63 19.50
C SER A 101 -4.42 -1.83 20.15
N ALA A 102 -4.39 -2.96 19.45
CA ALA A 102 -3.67 -4.17 19.95
C ALA A 102 -2.14 -4.11 19.75
N TYR A 103 -1.69 -3.44 18.68
CA TYR A 103 -0.25 -3.31 18.38
C TYR A 103 0.07 -1.82 18.19
N PRO A 104 0.17 -1.06 19.32
CA PRO A 104 0.16 0.38 19.21
C PRO A 104 1.44 1.02 18.75
N ASN A 105 2.48 0.23 18.56
CA ASN A 105 3.78 0.74 18.03
C ASN A 105 4.05 0.46 16.57
N GLU A 106 2.99 0.04 15.89
CA GLU A 106 2.93 -0.09 14.41
C GLU A 106 2.23 1.11 13.78
N THR A 107 2.71 1.52 12.60
CA THR A 107 2.01 2.50 11.80
CA THR A 107 2.01 2.52 11.79
C THR A 107 1.45 1.80 10.58
N ILE A 108 0.34 2.31 10.08
CA ILE A 108 -0.19 1.79 8.83
C ILE A 108 -0.20 2.99 7.88
N VAL A 109 0.28 2.77 6.65
CA VAL A 109 0.09 3.78 5.58
C VAL A 109 -1.02 3.23 4.68
N MET A 110 -2.00 4.08 4.43
CA MET A 110 -3.15 3.76 3.60
C MET A 110 -3.17 4.69 2.38
N SER A 111 -2.86 4.12 1.22
CA SER A 111 -3.07 4.74 -0.08
C SER A 111 -4.59 4.74 -0.39
N MET A 112 -5.07 5.85 -0.96
CA MET A 112 -6.48 6.06 -1.26
C MET A 112 -6.56 6.64 -2.69
N LYS A 113 -7.33 5.97 -3.56
CA LYS A 113 -7.38 6.24 -4.98
C LYS A 113 -8.80 6.01 -5.38
N LYS A 114 -9.29 6.81 -6.32
CA LYS A 114 -10.59 6.56 -6.98
C LYS A 114 -10.30 5.61 -8.14
N ASP A 115 -10.95 4.43 -8.15
CA ASP A 115 -10.75 3.43 -9.21
C ASP A 115 -11.92 3.33 -10.21
N TYR A 116 -13.03 4.01 -9.95
CA TYR A 116 -14.19 3.89 -10.86
C TYR A 116 -15.10 5.04 -10.70
N ASP A 117 -15.94 5.36 -11.70
CA ASP A 117 -16.86 6.51 -11.61
C ASP A 117 -17.89 6.38 -10.50
N SER A 118 -18.22 7.48 -9.84
CA SER A 118 -19.21 7.46 -8.76
C SER A 118 -20.58 6.99 -9.20
N ASP A 119 -21.30 6.38 -8.25
CA ASP A 119 -22.74 6.14 -8.41
C ASP A 119 -23.42 7.40 -8.96
N SER A 120 -24.37 7.21 -9.88
CA SER A 120 -24.97 8.38 -10.54
C SER A 120 -25.82 9.27 -9.56
N LYS A 121 -26.21 8.74 -8.39
CA LYS A 121 -26.87 9.55 -7.33
C LYS A 121 -25.91 10.44 -6.53
N VAL A 122 -24.59 10.19 -6.66
CA VAL A 122 -23.54 10.97 -5.97
C VAL A 122 -23.48 12.40 -6.46
N THR A 123 -23.41 13.36 -5.52
CA THR A 123 -23.32 14.80 -5.88
C THR A 123 -21.99 15.46 -5.48
N LYS A 124 -21.15 14.74 -4.76
CA LYS A 124 -19.93 15.28 -4.19
C LYS A 124 -18.73 14.62 -4.91
N THR A 125 -17.57 15.27 -4.92
CA THR A 125 -16.35 14.61 -5.44
C THR A 125 -15.89 13.51 -4.48
N PHE A 126 -15.04 12.62 -5.00
CA PHE A 126 -14.54 11.48 -4.24
C PHE A 126 -13.69 12.10 -3.12
N GLU A 127 -12.96 13.15 -3.43
CA GLU A 127 -12.08 13.72 -2.39
C GLU A 127 -12.89 14.36 -1.21
N GLU A 128 -13.96 15.06 -1.53
CA GLU A 128 -14.91 15.61 -0.52
CA GLU A 128 -14.83 15.62 -0.56
C GLU A 128 -15.51 14.55 0.28
N ILE A 129 -15.96 13.44 -0.27
CA ILE A 129 -16.50 12.34 0.49
C ILE A 129 -15.47 11.76 1.45
N PHE A 130 -14.25 11.52 0.95
CA PHE A 130 -13.23 10.97 1.82
C PHE A 130 -12.90 11.98 2.98
N ARG A 131 -12.73 13.25 2.61
CA ARG A 131 -12.29 14.24 3.57
C ARG A 131 -13.40 14.40 4.69
N GLU A 132 -14.62 14.68 4.24
CA GLU A 132 -15.74 14.95 5.16
CA GLU A 132 -15.78 14.94 5.13
C GLU A 132 -16.30 13.71 5.89
N TYR A 133 -16.35 12.55 5.22
CA TYR A 133 -17.04 11.39 5.82
C TYR A 133 -16.14 10.34 6.40
N TYR A 134 -14.84 10.50 6.17
CA TYR A 134 -13.89 9.59 6.75
C TYR A 134 -12.82 10.29 7.51
N TYR A 135 -11.96 11.05 6.79
CA TYR A 135 -10.84 11.72 7.46
C TYR A 135 -11.29 12.61 8.65
N ASN A 136 -12.31 13.42 8.44
CA ASN A 136 -12.82 14.34 9.46
C ASN A 136 -14.02 13.80 10.25
N ASN A 137 -14.44 12.58 9.97
CA ASN A 137 -15.46 11.92 10.72
C ASN A 137 -15.07 11.70 12.17
N PRO A 138 -15.90 12.20 13.13
CA PRO A 138 -15.56 12.02 14.54
C PRO A 138 -15.51 10.56 14.92
N GLN A 139 -16.26 9.73 14.20
CA GLN A 139 -16.07 8.29 14.37
C GLN A 139 -14.63 7.80 14.25
N TYR A 140 -13.79 8.43 13.42
CA TYR A 140 -12.40 7.99 13.24
C TYR A 140 -11.49 9.07 13.83
N GLN A 141 -12.00 9.78 14.87
CA GLN A 141 -11.18 10.78 15.54
CA GLN A 141 -11.21 10.75 15.63
C GLN A 141 -10.01 10.03 16.17
N ASN A 142 -8.87 10.66 16.06
CA ASN A 142 -7.62 10.13 16.50
C ASN A 142 -7.04 8.95 15.71
N LEU A 143 -7.78 8.33 14.79
CA LEU A 143 -7.20 7.18 14.07
C LEU A 143 -6.11 7.60 13.05
N PHE A 144 -6.36 8.71 12.34
CA PHE A 144 -5.48 9.19 11.26
C PHE A 144 -4.36 10.04 11.81
N TYR A 145 -3.18 9.95 11.18
CA TYR A 145 -2.14 10.94 11.38
C TYR A 145 -2.67 12.33 10.96
N THR A 146 -2.55 13.31 11.88
CA THR A 146 -3.01 14.68 11.60
C THR A 146 -1.88 15.70 11.81
N GLY A 147 -0.64 15.24 11.98
CA GLY A 147 0.48 16.14 12.29
C GLY A 147 0.92 16.97 11.09
N SER A 148 1.72 17.98 11.29
CA SER A 148 2.05 18.78 10.12
C SER A 148 3.42 18.46 9.54
N ASN A 149 4.05 17.40 10.01
CA ASN A 149 5.35 17.01 9.44
C ASN A 149 5.17 16.38 8.03
N ALA A 150 5.81 16.94 7.01
CA ALA A 150 5.80 16.38 5.63
C ALA A 150 6.54 15.05 5.53
N ASN A 151 7.52 14.84 6.42
CA ASN A 151 8.26 13.59 6.43
C ASN A 151 8.21 12.96 7.83
N PRO A 152 7.03 12.43 8.22
CA PRO A 152 6.89 11.96 9.61
C PRO A 152 7.76 10.79 10.09
N THR A 153 8.05 10.74 11.39
CA THR A 153 8.86 9.65 11.96
C THR A 153 7.92 8.55 12.42
N LEU A 154 8.48 7.37 12.68
CA LEU A 154 7.72 6.28 13.24
C LEU A 154 7.06 6.68 14.58
N LYS A 155 7.78 7.43 15.39
CA LYS A 155 7.20 7.89 16.69
C LYS A 155 5.95 8.73 16.56
N GLU A 156 5.88 9.69 15.64
CA GLU A 156 4.68 10.48 15.59
C GLU A 156 3.53 9.88 14.80
N THR A 157 3.80 8.74 14.13
CA THR A 157 2.76 8.04 13.35
C THR A 157 2.28 6.72 13.92
N LYS A 158 3.02 6.12 14.85
CA LYS A 158 2.66 4.82 15.35
C LYS A 158 1.36 4.91 16.09
N GLY A 159 0.58 3.85 15.93
CA GLY A 159 -0.80 3.79 16.43
C GLY A 159 -1.81 4.50 15.56
N LYS A 160 -1.34 5.03 14.41
CA LYS A 160 -2.22 5.80 13.53
C LYS A 160 -2.12 5.34 12.07
N ILE A 161 -3.07 5.80 11.27
CA ILE A 161 -3.01 5.58 9.80
C ILE A 161 -2.50 6.85 9.14
N VAL A 162 -1.49 6.70 8.31
CA VAL A 162 -0.93 7.83 7.59
C VAL A 162 -1.51 7.77 6.17
N LEU A 163 -2.16 8.85 5.73
CA LEU A 163 -2.71 8.91 4.36
C LEU A 163 -1.57 8.97 3.29
N PHE A 164 -1.68 8.13 2.26
CA PHE A 164 -0.87 8.22 1.07
C PHE A 164 -1.89 8.60 0.00
N ASN A 165 -1.84 9.85 -0.42
CA ASN A 165 -3.00 10.41 -1.19
C ASN A 165 -2.85 10.24 -2.71
N ARG A 166 -3.69 9.37 -3.30
CA ARG A 166 -3.72 9.21 -4.76
C ARG A 166 -5.06 9.68 -5.34
N MET A 167 -5.73 10.57 -4.59
CA MET A 167 -6.97 11.20 -5.01
C MET A 167 -6.83 12.37 -5.94
N GLY A 168 -5.63 12.91 -6.06
CA GLY A 168 -5.39 14.21 -6.74
C GLY A 168 -5.31 15.30 -5.64
N GLY A 169 -5.56 16.54 -6.03
CA GLY A 169 -5.54 17.64 -5.06
C GLY A 169 -6.50 17.41 -3.88
N THR A 170 -6.03 17.73 -2.66
CA THR A 170 -6.88 17.59 -1.48
C THR A 170 -6.73 18.79 -0.55
N TYR A 171 -7.79 19.07 0.24
CA TYR A 171 -7.71 20.01 1.37
C TYR A 171 -7.18 19.41 2.66
N ILE A 172 -7.05 18.09 2.67
CA ILE A 172 -6.37 17.41 3.80
C ILE A 172 -4.91 17.89 3.86
N LYS A 173 -4.36 18.12 5.05
CA LYS A 173 -2.99 18.64 5.17
C LYS A 173 -1.95 17.73 5.78
N SER A 174 -2.28 16.48 6.04
CA SER A 174 -1.36 15.56 6.69
C SER A 174 -1.30 14.30 5.88
N GLY A 175 -0.07 13.83 5.67
CA GLY A 175 0.17 12.56 4.95
C GLY A 175 0.90 12.83 3.62
N TYR A 176 1.23 11.77 2.92
CA TYR A 176 2.01 11.93 1.67
C TYR A 176 1.14 12.45 0.54
N GLY A 177 1.58 13.52 -0.13
CA GLY A 177 0.76 14.09 -1.19
C GLY A 177 -0.45 14.82 -0.67
N ALA A 178 -0.41 15.21 0.60
CA ALA A 178 -1.61 15.86 1.16
C ALA A 178 -1.45 17.38 1.00
N ASP A 179 -1.70 17.87 -0.24
CA ASP A 179 -1.69 19.30 -0.55
C ASP A 179 -2.60 19.43 -1.77
N THR A 180 -2.79 20.66 -2.26
CA THR A 180 -3.78 20.87 -3.29
C THR A 180 -3.29 20.44 -4.70
N SER A 181 -2.03 20.01 -4.81
CA SER A 181 -1.56 19.36 -6.07
C SER A 181 -1.72 17.86 -6.12
N GLY A 182 -1.67 17.23 -4.93
CA GLY A 182 -1.64 15.75 -4.82
C GLY A 182 -0.39 15.14 -5.48
N ILE A 183 -0.51 13.94 -6.03
CA ILE A 183 0.67 13.22 -6.53
C ILE A 183 0.54 13.05 -8.03
N GLN A 184 1.54 13.47 -8.80
CA GLN A 184 1.43 13.32 -10.25
C GLN A 184 1.85 11.88 -10.59
N TRP A 185 0.84 11.03 -10.81
CA TRP A 185 1.10 9.60 -11.10
C TRP A 185 1.25 9.38 -12.58
N ALA A 186 2.29 8.68 -13.03
CA ALA A 186 2.44 8.37 -14.46
C ALA A 186 1.86 6.94 -14.68
N ASP A 187 1.08 6.73 -15.73
CA ASP A 187 0.42 5.49 -15.95
C ASP A 187 1.41 4.42 -16.48
N ASN A 188 1.41 3.23 -15.87
CA ASN A 188 2.22 2.08 -16.34
C ASN A 188 3.71 2.39 -16.51
N ALA A 189 4.32 3.00 -15.51
CA ALA A 189 5.66 3.64 -15.70
C ALA A 189 6.50 3.50 -14.45
N THR A 190 7.82 3.58 -14.64
CA THR A 190 8.75 3.95 -13.56
C THR A 190 8.89 5.47 -13.66
N PHE A 191 8.76 6.18 -12.53
CA PHE A 191 8.78 7.66 -12.59
C PHE A 191 9.23 8.25 -11.27
N GLU A 192 9.57 9.54 -11.29
CA GLU A 192 9.79 10.30 -10.05
C GLU A 192 9.18 11.66 -10.11
N THR A 193 8.75 12.14 -8.95
CA THR A 193 7.97 13.35 -8.85
C THR A 193 8.10 13.90 -7.41
N LYS A 194 8.12 15.22 -7.31
CA LYS A 194 8.10 15.84 -5.99
C LYS A 194 6.70 15.89 -5.41
N ILE A 195 6.63 15.64 -4.11
CA ILE A 195 5.36 15.68 -3.38
C ILE A 195 5.54 16.52 -2.07
N ASN A 196 4.42 16.86 -1.43
CA ASN A 196 4.39 17.66 -0.22
C ASN A 196 5.10 18.97 -0.43
N ASN A 197 4.59 19.71 -1.41
CA ASN A 197 5.09 21.05 -1.71
C ASN A 197 6.63 20.96 -1.91
N GLY A 198 7.11 19.98 -2.70
CA GLY A 198 8.55 19.77 -2.90
C GLY A 198 9.40 19.24 -1.76
N SER A 199 8.78 18.94 -0.61
CA SER A 199 9.56 18.33 0.53
C SER A 199 10.09 16.91 0.31
N LEU A 200 9.42 16.15 -0.54
CA LEU A 200 9.82 14.78 -0.78
C LEU A 200 9.97 14.50 -2.28
N ASN A 201 10.88 13.61 -2.61
CA ASN A 201 11.02 13.06 -3.96
C ASN A 201 10.52 11.63 -3.97
N LEU A 202 9.36 11.44 -4.60
CA LEU A 202 8.73 10.15 -4.67
C LEU A 202 9.23 9.40 -5.92
N LYS A 203 9.71 8.19 -5.74
CA LYS A 203 10.18 7.35 -6.83
C LYS A 203 9.34 6.11 -6.89
N VAL A 204 8.63 5.96 -8.02
CA VAL A 204 7.63 4.85 -8.15
C VAL A 204 8.00 3.89 -9.28
N GLN A 205 7.84 2.59 -9.02
CA GLN A 205 7.79 1.70 -10.16
C GLN A 205 6.38 1.13 -10.18
N ASP A 206 5.57 1.54 -11.16
CA ASP A 206 4.21 0.98 -11.21
C ASP A 206 3.87 0.58 -12.62
N GLU A 207 4.73 -0.28 -13.18
CA GLU A 207 4.54 -0.67 -14.60
C GLU A 207 3.58 -1.87 -14.54
N TYR A 208 2.28 -1.61 -14.28
CA TYR A 208 1.30 -2.68 -13.95
C TYR A 208 0.89 -3.58 -15.15
N LYS A 209 1.23 -3.17 -16.37
CA LYS A 209 0.84 -3.98 -17.54
C LYS A 209 2.05 -4.77 -18.09
N ASP A 210 3.21 -4.70 -17.43
CA ASP A 210 4.39 -5.44 -17.89
C ASP A 210 4.16 -6.91 -17.95
N TYR A 211 4.86 -7.57 -18.88
CA TYR A 211 4.89 -9.01 -18.84
C TYR A 211 5.95 -9.31 -17.78
N TYR A 212 6.03 -10.55 -17.33
CA TYR A 212 6.74 -10.81 -16.08
C TYR A 212 8.23 -10.59 -16.14
N ASP A 213 8.90 -10.86 -17.29
CA ASP A 213 10.36 -10.61 -17.42
C ASP A 213 10.73 -9.12 -17.28
N LYS A 214 10.01 -8.27 -17.98
CA LYS A 214 10.19 -6.83 -17.84
C LYS A 214 9.80 -6.34 -16.44
N LYS A 215 8.77 -6.97 -15.87
CA LYS A 215 8.29 -6.58 -14.52
C LYS A 215 9.43 -6.84 -13.54
N VAL A 216 10.10 -8.00 -13.67
CA VAL A 216 11.11 -8.36 -12.71
C VAL A 216 12.27 -7.38 -12.87
N GLU A 217 12.62 -7.07 -14.12
CA GLU A 217 13.69 -6.13 -14.39
C GLU A 217 13.41 -4.72 -13.80
N ALA A 218 12.17 -4.26 -13.95
CA ALA A 218 11.73 -2.92 -13.44
C ALA A 218 11.76 -2.85 -11.91
N VAL A 219 11.27 -3.92 -11.27
CA VAL A 219 11.36 -4.07 -9.79
C VAL A 219 12.80 -3.98 -9.33
N LYS A 220 13.66 -4.79 -9.97
CA LYS A 220 15.07 -4.94 -9.54
C LYS A 220 15.81 -3.60 -9.74
N ASN A 221 15.53 -2.92 -10.86
CA ASN A 221 16.16 -1.64 -11.09
CA ASN A 221 16.13 -1.61 -11.15
C ASN A 221 15.84 -0.62 -10.02
N LEU A 222 14.56 -0.48 -9.63
CA LEU A 222 14.24 0.45 -8.51
C LEU A 222 14.77 -0.09 -7.17
N LEU A 223 14.85 -1.41 -7.02
CA LEU A 223 15.39 -2.00 -5.80
C LEU A 223 16.87 -1.64 -5.69
N ALA A 224 17.58 -1.70 -6.82
CA ALA A 224 19.00 -1.37 -6.85
C ALA A 224 19.25 0.11 -6.52
N LYS A 225 18.38 1.01 -6.96
CA LYS A 225 18.47 2.44 -6.59
C LYS A 225 18.23 2.74 -5.08
N ALA A 226 17.23 2.07 -4.47
CA ALA A 226 17.01 2.26 -2.99
C ALA A 226 18.22 1.82 -2.19
N LYS A 227 18.87 0.77 -2.68
CA LYS A 227 19.95 0.14 -1.95
C LYS A 227 21.10 1.12 -1.67
N THR A 228 21.40 2.00 -2.59
CA THR A 228 22.55 2.86 -2.40
C THR A 228 22.12 4.27 -2.02
N ASP A 229 20.86 4.45 -1.67
CA ASP A 229 20.32 5.81 -1.44
C ASP A 229 20.00 5.98 0.04
N SER A 230 20.79 6.74 0.76
CA SER A 230 20.46 6.98 2.19
C SER A 230 19.67 8.26 2.46
N ASN A 231 19.14 8.90 1.43
CA ASN A 231 18.42 10.17 1.60
C ASN A 231 17.00 9.90 2.16
N LYS A 232 16.73 10.37 3.40
CA LYS A 232 15.40 10.23 4.08
C LYS A 232 14.29 11.01 3.34
N ASP A 233 14.67 11.97 2.52
CA ASP A 233 13.66 12.77 1.76
C ASP A 233 13.25 12.10 0.45
N ASN A 234 13.90 10.99 0.14
CA ASN A 234 13.47 10.14 -0.98
C ASN A 234 12.49 9.02 -0.47
N VAL A 235 11.40 8.82 -1.19
CA VAL A 235 10.43 7.75 -0.84
C VAL A 235 10.25 6.76 -2.04
N TYR A 236 10.44 5.47 -1.79
CA TYR A 236 10.40 4.46 -2.87
C TYR A 236 9.11 3.68 -2.72
N VAL A 237 8.33 3.60 -3.80
CA VAL A 237 7.16 2.72 -3.84
C VAL A 237 7.28 1.77 -5.05
N ASN A 238 7.41 0.46 -4.79
CA ASN A 238 7.84 -0.49 -5.83
C ASN A 238 6.83 -1.60 -5.92
N PHE A 239 5.97 -1.57 -6.94
CA PHE A 239 4.87 -2.55 -7.03
C PHE A 239 5.30 -3.82 -7.72
N LEU A 240 5.23 -4.97 -7.04
CA LEU A 240 5.65 -6.22 -7.67
C LEU A 240 4.48 -6.84 -8.49
N SER A 241 3.31 -6.37 -8.19
CA SER A 241 2.03 -6.78 -8.80
C SER A 241 1.96 -6.45 -10.26
N VAL A 242 1.30 -7.33 -11.02
CA VAL A 242 1.14 -7.11 -12.46
C VAL A 242 -0.26 -7.53 -12.88
N ALA A 243 -0.80 -6.89 -13.91
CA ALA A 243 -2.12 -7.26 -14.46
C ALA A 243 -2.11 -8.67 -15.11
N SER A 244 -3.23 -9.38 -15.00
CA SER A 244 -3.41 -10.53 -15.86
C SER A 244 -3.79 -9.96 -17.28
N GLY A 245 -3.47 -10.62 -18.37
CA GLY A 245 -4.08 -10.17 -19.64
C GLY A 245 -5.59 -10.36 -19.83
N GLY A 246 -6.23 -11.05 -18.87
CA GLY A 246 -7.68 -11.38 -18.93
C GLY A 246 -7.87 -12.84 -18.50
N SER A 247 -9.13 -13.31 -18.43
CA SER A 247 -9.43 -14.69 -18.00
C SER A 247 -8.92 -15.87 -18.91
N ALA A 248 -8.66 -15.58 -20.19
CA ALA A 248 -8.01 -16.54 -21.14
C ALA A 248 -6.52 -16.79 -20.81
N PHE A 249 -5.98 -15.86 -20.01
N PHE A 249 -5.85 -15.81 -20.22
CA PHE A 249 -4.56 -15.58 -19.81
CA PHE A 249 -4.41 -15.87 -20.04
C PHE A 249 -4.19 -16.10 -18.38
C PHE A 249 -4.15 -16.05 -18.50
N ASN A 250 -2.89 -16.06 -18.07
CA ASN A 250 -2.47 -16.35 -16.69
C ASN A 250 -2.95 -15.34 -15.60
N SER A 251 -3.30 -15.85 -14.43
CA SER A 251 -3.85 -15.04 -13.31
C SER A 251 -2.79 -14.13 -12.67
N THR A 252 -3.25 -13.14 -11.91
CA THR A 252 -2.34 -12.30 -11.14
C THR A 252 -1.58 -13.21 -10.13
N TYR A 253 -2.25 -14.25 -9.61
CA TYR A 253 -1.65 -15.19 -8.66
C TYR A 253 -0.51 -15.93 -9.32
N TYR A 254 -0.76 -16.41 -10.55
CA TYR A 254 0.30 -17.11 -11.30
C TYR A 254 1.56 -16.22 -11.39
N TYR A 255 1.43 -14.99 -11.88
CA TYR A 255 2.60 -14.08 -11.89
C TYR A 255 3.25 -13.85 -10.53
N ALA A 256 2.44 -13.53 -9.52
CA ALA A 256 2.98 -13.30 -8.15
C ALA A 256 3.73 -14.55 -7.65
N SER A 257 3.29 -15.75 -8.05
CA SER A 257 3.95 -16.98 -7.58
C SER A 257 5.40 -17.11 -8.08
N TYR A 258 5.72 -16.32 -9.09
CA TYR A 258 7.10 -16.25 -9.63
C TYR A 258 7.85 -15.03 -9.17
N ILE A 259 7.19 -13.86 -9.30
CA ILE A 259 7.84 -12.60 -9.00
C ILE A 259 8.20 -12.50 -7.51
N ASN A 260 7.27 -12.88 -6.64
CA ASN A 260 7.48 -12.71 -5.20
C ASN A 260 8.74 -13.48 -4.73
N PRO A 261 8.84 -14.79 -5.00
CA PRO A 261 10.07 -15.49 -4.53
C PRO A 261 11.33 -15.00 -5.24
N GLU A 262 11.21 -14.59 -6.52
CA GLU A 262 12.36 -14.02 -7.28
C GLU A 262 12.86 -12.77 -6.57
N ILE A 263 11.93 -11.91 -6.17
CA ILE A 263 12.36 -10.65 -5.54
C ILE A 263 12.80 -10.93 -4.08
N ALA A 264 12.16 -11.90 -3.41
CA ALA A 264 12.48 -12.23 -2.02
C ALA A 264 13.93 -12.75 -1.92
N LYS A 265 14.29 -13.63 -2.87
CA LYS A 265 15.65 -14.19 -3.01
C LYS A 265 16.65 -13.04 -3.25
N THR A 266 16.30 -12.09 -4.10
CA THR A 266 17.21 -10.97 -4.37
C THR A 266 17.46 -10.11 -3.12
N ILE A 267 16.39 -9.72 -2.43
CA ILE A 267 16.49 -8.90 -1.21
C ILE A 267 17.34 -9.62 -0.14
N LYS A 268 17.06 -10.89 0.06
CA LYS A 268 17.76 -11.73 1.06
C LYS A 268 19.29 -11.76 0.75
N ALA A 269 19.64 -11.92 -0.52
CA ALA A 269 21.07 -11.91 -0.91
C ALA A 269 21.72 -10.54 -0.82
N ASN A 270 20.93 -9.46 -0.82
CA ASN A 270 21.48 -8.14 -0.51
C ASN A 270 21.74 -7.92 0.96
N GLY A 271 21.19 -8.78 1.83
CA GLY A 271 21.25 -8.53 3.27
C GLY A 271 20.52 -7.28 3.72
N LYS A 272 20.96 -6.70 4.84
CA LYS A 272 20.36 -5.52 5.42
C LYS A 272 20.72 -4.37 4.51
N ALA A 273 19.73 -3.82 3.81
CA ALA A 273 19.97 -2.80 2.77
C ALA A 273 18.62 -2.12 2.53
N ARG A 274 18.63 -0.83 2.23
CA ARG A 274 17.35 -0.12 1.97
C ARG A 274 16.61 -0.67 0.72
N THR A 275 15.31 -1.03 0.88
CA THR A 275 14.44 -1.49 -0.24
C THR A 275 13.37 -0.49 -0.72
N GLY A 276 12.93 0.41 0.16
CA GLY A 276 11.71 1.17 -0.02
C GLY A 276 10.45 0.38 0.37
N TRP A 277 9.29 0.85 -0.08
CA TRP A 277 8.02 0.20 0.24
C TRP A 277 7.66 -0.70 -0.97
N LEU A 278 7.59 -2.01 -0.75
CA LEU A 278 7.31 -2.96 -1.80
C LEU A 278 5.89 -3.52 -1.66
N ILE A 279 5.09 -3.37 -2.72
CA ILE A 279 3.65 -3.62 -2.70
C ILE A 279 3.42 -4.87 -3.56
N VAL A 280 2.78 -5.87 -2.96
CA VAL A 280 2.79 -7.21 -3.54
C VAL A 280 1.34 -7.69 -3.72
N ASP A 281 1.12 -8.56 -4.71
CA ASP A 281 -0.03 -9.44 -4.72
C ASP A 281 0.17 -10.67 -3.82
N TYR A 282 -0.96 -11.19 -3.29
CA TYR A 282 -1.00 -12.40 -2.47
C TYR A 282 0.05 -12.30 -1.36
N ALA A 283 0.02 -11.18 -0.61
CA ALA A 283 0.88 -11.02 0.57
C ALA A 283 0.64 -12.19 1.55
N GLY A 284 1.71 -12.84 2.04
CA GLY A 284 1.54 -13.83 3.11
C GLY A 284 1.33 -15.22 2.49
N TYR A 285 1.31 -15.29 1.15
CA TYR A 285 1.08 -16.57 0.45
C TYR A 285 2.45 -17.18 0.30
N THR A 286 2.63 -18.38 0.89
CA THR A 286 3.94 -19.07 0.84
C THR A 286 3.92 -20.29 -0.11
N TRP A 287 5.09 -20.61 -0.64
CA TRP A 287 5.34 -21.77 -1.49
C TRP A 287 6.53 -22.45 -0.88
N PRO A 288 6.40 -23.74 -0.48
CA PRO A 288 7.55 -24.49 0.10
C PRO A 288 8.78 -24.45 -0.79
N GLY A 289 9.92 -24.14 -0.20
CA GLY A 289 11.20 -24.08 -0.92
C GLY A 289 11.58 -22.73 -1.49
N TYR A 290 10.74 -21.71 -1.28
CA TYR A 290 10.93 -20.38 -1.86
C TYR A 290 10.84 -19.33 -0.76
N ASP A 291 11.75 -18.40 -0.79
CA ASP A 291 11.71 -17.23 0.09
C ASP A 291 10.35 -16.49 0.06
N ASP A 292 9.95 -15.97 1.22
CA ASP A 292 8.70 -15.26 1.34
C ASP A 292 8.96 -13.74 1.23
N ILE A 293 8.36 -13.11 0.24
CA ILE A 293 8.62 -11.68 0.01
C ILE A 293 8.30 -10.78 1.25
N VAL A 294 7.16 -10.98 1.91
CA VAL A 294 6.85 -10.14 3.08
C VAL A 294 7.96 -10.28 4.16
N SER A 295 8.35 -11.50 4.45
CA SER A 295 9.36 -11.77 5.51
C SER A 295 10.67 -11.16 5.15
N GLU A 296 11.06 -11.24 3.89
CA GLU A 296 12.38 -10.70 3.47
C GLU A 296 12.40 -9.18 3.49
N ILE A 297 11.30 -8.55 3.05
CA ILE A 297 11.15 -7.06 3.25
C ILE A 297 11.30 -6.71 4.72
N ILE A 298 10.59 -7.43 5.58
CA ILE A 298 10.67 -7.17 7.03
C ILE A 298 12.13 -7.30 7.55
N ASP A 299 12.79 -8.41 7.18
CA ASP A 299 14.16 -8.72 7.68
C ASP A 299 15.23 -7.88 7.05
N SER A 300 14.88 -7.13 6.00
CA SER A 300 15.89 -6.25 5.36
C SER A 300 16.13 -4.97 6.18
N ASN A 301 15.26 -4.66 7.15
CA ASN A 301 15.43 -3.48 8.05
C ASN A 301 16.58 -3.67 9.06
N LYS A 302 17.37 -2.64 9.28
CA LYS A 302 18.53 -2.67 10.20
C LYS A 302 18.10 -2.48 11.65
N LEU A 303 18.68 -3.24 12.57
CA LEU A 303 18.46 -2.99 14.00
C LEU A 303 19.74 -2.44 14.66
#